data_9KQ1
#
_entry.id   9KQ1
#
_cell.length_a   76.879
_cell.length_b   85.293
_cell.length_c   134.823
_cell.angle_alpha   90.00
_cell.angle_beta   90.00
_cell.angle_gamma   90.00
#
_symmetry.space_group_name_H-M   'C 2 2 21'
#
loop_
_entity.id
_entity.type
_entity.pdbx_description
1 polymer 'SDR superfamily'
2 non-polymer NICOTINAMIDE-ADENINE-DINUCLEOTIDE
3 water water
#
_entity_poly.entity_id   1
_entity_poly.type   'polypeptide(L)'
_entity_poly.pdbx_seq_one_letter_code
;MNHYDFQGRSAIITGGAQGFGYAVAERLLQGKAKVVLWDMDDKALAEARAKLEPLGNVETVRVDISDQSDVQQAIEATEK
LTQSIDILVHSAGIAGQNNPVADYSPEEWRRVIDIDLNGAFYVNQVVVQRMIAQNYGRIVNIASIAGKEGNPTASAYSAA
KAGMIALTKSLGKETATRNIAVNAITPAAAQILEQCTQAHIDYMLSKIPRARFVKVEELAAMVAWLVSEENSFTTASVFD
LSGGRATY
;
_entity_poly.pdbx_strand_id   A,B
#
# COMPACT_ATOMS: atom_id res chain seq x y z
N MET A 1 -15.47 25.55 -21.38
CA MET A 1 -14.87 25.41 -20.06
C MET A 1 -15.92 25.50 -18.95
N ASN A 2 -15.82 24.61 -17.98
CA ASN A 2 -16.71 24.65 -16.83
C ASN A 2 -16.24 25.69 -15.82
N HIS A 3 -17.07 25.96 -14.82
CA HIS A 3 -16.68 26.84 -13.72
C HIS A 3 -17.06 26.18 -12.41
N TYR A 4 -16.06 25.92 -11.57
CA TYR A 4 -16.25 25.35 -10.24
C TYR A 4 -16.14 26.46 -9.20
N ASP A 5 -17.18 26.62 -8.39
CA ASP A 5 -17.22 27.69 -7.40
C ASP A 5 -16.53 27.26 -6.11
N PHE A 6 -15.72 28.17 -5.56
CA PHE A 6 -15.03 27.90 -4.30
C PHE A 6 -15.03 29.13 -3.38
N GLN A 7 -15.99 30.04 -3.56
CA GLN A 7 -16.03 31.24 -2.74
C GLN A 7 -16.29 30.90 -1.29
N GLY A 8 -15.44 31.42 -0.40
CA GLY A 8 -15.52 31.13 1.01
C GLY A 8 -14.77 29.90 1.46
N ARG A 9 -14.20 29.14 0.54
CA ARG A 9 -13.46 27.93 0.85
C ARG A 9 -11.97 28.19 0.84
N SER A 10 -11.24 27.46 1.69
CA SER A 10 -9.79 27.52 1.74
C SER A 10 -9.23 26.12 1.51
N ALA A 11 -8.09 26.05 0.82
CA ALA A 11 -7.54 24.78 0.36
C ALA A 11 -6.07 24.67 0.74
N ILE A 12 -5.67 23.46 1.13
CA ILE A 12 -4.26 23.10 1.29
C ILE A 12 -3.87 22.20 0.13
N ILE A 13 -2.75 22.52 -0.52
CA ILE A 13 -2.24 21.74 -1.64
C ILE A 13 -0.78 21.45 -1.37
N THR A 14 -0.49 20.21 -0.96
CA THR A 14 0.89 19.79 -0.80
C THR A 14 1.54 19.55 -2.16
N GLY A 15 2.84 19.81 -2.23
CA GLY A 15 3.53 19.76 -3.51
C GLY A 15 3.00 20.75 -4.51
N GLY A 16 2.44 21.87 -4.04
CA GLY A 16 1.79 22.85 -4.87
C GLY A 16 2.68 23.79 -5.64
N ALA A 17 4.01 23.70 -5.47
CA ALA A 17 4.89 24.66 -6.12
C ALA A 17 5.05 24.40 -7.61
N GLN A 18 4.87 23.16 -8.05
CA GLN A 18 4.99 22.84 -9.48
C GLN A 18 4.20 21.58 -9.77
N GLY A 19 4.02 21.31 -11.07
CA GLY A 19 3.41 20.07 -11.48
C GLY A 19 1.91 20.05 -11.26
N PHE A 20 1.42 18.91 -10.75
CA PHE A 20 -0.02 18.73 -10.56
C PHE A 20 -0.57 19.72 -9.53
N GLY A 21 0.10 19.85 -8.39
CA GLY A 21 -0.37 20.76 -7.36
C GLY A 21 -0.47 22.19 -7.84
N TYR A 22 0.50 22.64 -8.65
CA TYR A 22 0.45 23.99 -9.19
C TYR A 22 -0.73 24.17 -10.12
N ALA A 23 -1.00 23.17 -10.97
CA ALA A 23 -2.14 23.26 -11.89
C ALA A 23 -3.46 23.29 -11.13
N VAL A 24 -3.57 22.52 -10.05
CA VAL A 24 -4.80 22.53 -9.25
C VAL A 24 -4.97 23.89 -8.58
N ALA A 25 -3.89 24.41 -7.98
CA ALA A 25 -3.97 25.73 -7.35
C ALA A 25 -4.40 26.78 -8.35
N GLU A 26 -3.89 26.69 -9.58
CA GLU A 26 -4.28 27.65 -10.62
C GLU A 26 -5.77 27.55 -10.92
N ARG A 27 -6.34 26.35 -10.91
CA ARG A 27 -7.76 26.22 -11.18
C ARG A 27 -8.62 26.59 -9.97
N LEU A 28 -8.20 26.21 -8.77
CA LEU A 28 -8.96 26.60 -7.58
C LEU A 28 -9.01 28.11 -7.41
N LEU A 29 -7.95 28.81 -7.83
CA LEU A 29 -7.98 30.28 -7.78
C LEU A 29 -8.98 30.84 -8.79
N GLN A 30 -9.20 30.13 -9.90
CA GLN A 30 -10.28 30.53 -10.81
C GLN A 30 -11.65 30.34 -10.18
N GLY A 31 -11.78 29.37 -9.29
CA GLY A 31 -12.96 29.25 -8.46
C GLY A 31 -12.96 30.15 -7.26
N LYS A 32 -11.90 30.95 -7.12
CA LYS A 32 -11.78 31.99 -6.10
C LYS A 32 -11.66 31.41 -4.70
N ALA A 33 -11.03 30.24 -4.59
CA ALA A 33 -10.66 29.70 -3.30
C ALA A 33 -9.47 30.46 -2.73
N LYS A 34 -9.29 30.34 -1.42
CA LYS A 34 -8.06 30.76 -0.76
C LYS A 34 -7.12 29.56 -0.72
N VAL A 35 -5.94 29.71 -1.30
CA VAL A 35 -5.03 28.60 -1.55
C VAL A 35 -3.78 28.77 -0.71
N VAL A 36 -3.40 27.70 0.00
CA VAL A 36 -2.16 27.65 0.78
C VAL A 36 -1.31 26.53 0.22
N LEU A 37 -0.13 26.88 -0.29
CA LEU A 37 0.77 25.92 -0.92
C LEU A 37 1.70 25.34 0.13
N TRP A 38 1.67 24.01 0.27
CA TRP A 38 2.63 23.29 1.10
C TRP A 38 3.67 22.63 0.19
N ASP A 39 4.94 22.89 0.47
CA ASP A 39 6.00 22.27 -0.32
C ASP A 39 7.31 22.29 0.47
N MET A 40 8.21 21.40 0.07
CA MET A 40 9.51 21.28 0.71
C MET A 40 10.53 22.28 0.17
N ASP A 41 10.38 22.70 -1.09
CA ASP A 41 11.32 23.62 -1.72
C ASP A 41 10.84 25.05 -1.50
N ASP A 42 11.59 25.83 -0.72
CA ASP A 42 11.21 27.21 -0.46
C ASP A 42 11.44 28.10 -1.68
N LYS A 43 12.43 27.75 -2.53
CA LYS A 43 12.69 28.54 -3.73
C LYS A 43 11.55 28.40 -4.74
N ALA A 44 11.13 27.16 -5.01
CA ALA A 44 10.02 26.95 -5.93
C ALA A 44 8.72 27.56 -5.42
N LEU A 45 8.53 27.57 -4.09
CA LEU A 45 7.35 28.20 -3.51
C LEU A 45 7.31 29.69 -3.81
N ALA A 46 8.46 30.35 -3.76
CA ALA A 46 8.51 31.79 -4.02
C ALA A 46 8.16 32.10 -5.47
N GLU A 47 8.59 31.25 -6.40
CA GLU A 47 8.25 31.47 -7.81
C GLU A 47 6.78 31.18 -8.06
N ALA A 48 6.22 30.18 -7.37
CA ALA A 48 4.79 29.88 -7.53
C ALA A 48 3.93 31.06 -7.07
N ARG A 49 4.22 31.58 -5.88
CA ARG A 49 3.45 32.72 -5.36
C ARG A 49 3.58 33.93 -6.27
N ALA A 50 4.75 34.12 -6.90
CA ALA A 50 4.91 35.24 -7.83
C ALA A 50 4.06 35.08 -9.07
N LYS A 51 4.03 33.86 -9.64
CA LYS A 51 3.22 33.63 -10.84
C LYS A 51 1.72 33.68 -10.52
N LEU A 52 1.32 33.15 -9.36
CA LEU A 52 -0.09 32.96 -9.07
C LEU A 52 -0.76 34.16 -8.43
N GLU A 53 0.01 35.09 -7.86
CA GLU A 53 -0.61 36.24 -7.19
C GLU A 53 -1.54 37.03 -8.10
N PRO A 54 -1.22 37.31 -9.37
CA PRO A 54 -2.20 37.98 -10.24
C PRO A 54 -3.49 37.20 -10.42
N LEU A 55 -3.55 35.94 -10.00
CA LEU A 55 -4.77 35.14 -10.10
C LEU A 55 -5.60 35.18 -8.83
N GLY A 56 -5.01 35.57 -7.69
CA GLY A 56 -5.80 35.67 -6.47
C GLY A 56 -4.92 35.57 -5.23
N ASN A 57 -5.53 35.14 -4.14
CA ASN A 57 -4.91 35.13 -2.81
C ASN A 57 -4.23 33.79 -2.57
N VAL A 58 -2.92 33.82 -2.34
CA VAL A 58 -2.12 32.61 -2.18
C VAL A 58 -1.14 32.79 -1.04
N GLU A 59 -1.02 31.76 -0.20
CA GLU A 59 -0.04 31.71 0.88
C GLU A 59 0.85 30.49 0.70
N THR A 60 2.00 30.50 1.38
CA THR A 60 2.97 29.42 1.27
C THR A 60 3.43 28.99 2.66
N VAL A 61 3.68 27.68 2.80
CA VAL A 61 4.19 27.10 4.04
C VAL A 61 5.27 26.10 3.68
N ARG A 62 6.48 26.32 4.17
CA ARG A 62 7.57 25.38 3.99
C ARG A 62 7.40 24.21 4.94
N VAL A 63 7.39 22.99 4.42
CA VAL A 63 7.14 21.80 5.23
C VAL A 63 7.62 20.57 4.47
N ASP A 64 8.23 19.65 5.21
CA ASP A 64 8.54 18.31 4.71
C ASP A 64 7.44 17.38 5.22
N ILE A 65 6.57 16.93 4.30
CA ILE A 65 5.41 16.14 4.71
C ILE A 65 5.79 14.75 5.20
N SER A 66 7.03 14.32 4.99
CA SER A 66 7.48 13.04 5.54
C SER A 66 7.94 13.16 6.99
N ASP A 67 8.00 14.37 7.53
CA ASP A 67 8.34 14.61 8.93
C ASP A 67 7.04 15.00 9.63
N GLN A 68 6.55 14.10 10.50
CA GLN A 68 5.25 14.31 11.12
C GLN A 68 5.24 15.58 11.96
N SER A 69 6.33 15.86 12.67
CA SER A 69 6.39 17.06 13.49
C SER A 69 6.33 18.31 12.64
N ASP A 70 6.98 18.28 11.46
CA ASP A 70 6.91 19.42 10.56
C ASP A 70 5.49 19.60 10.02
N VAL A 71 4.74 18.50 9.87
CA VAL A 71 3.35 18.59 9.46
C VAL A 71 2.52 19.26 10.55
N GLN A 72 2.79 18.93 11.81
CA GLN A 72 2.06 19.56 12.91
C GLN A 72 2.32 21.05 12.96
N GLN A 73 3.56 21.46 12.70
CA GLN A 73 3.88 22.88 12.64
C GLN A 73 3.23 23.54 11.42
N ALA A 74 3.05 22.78 10.33
CA ALA A 74 2.47 23.35 9.12
C ALA A 74 0.98 23.61 9.28
N ILE A 75 0.25 22.67 9.89
CA ILE A 75 -1.19 22.82 10.01
C ILE A 75 -1.54 23.97 10.95
N GLU A 76 -0.73 24.18 12.00
CA GLU A 76 -0.98 25.30 12.90
C GLU A 76 -0.70 26.64 12.20
N ALA A 77 0.38 26.71 11.42
CA ALA A 77 0.65 27.93 10.65
C ALA A 77 -0.46 28.21 9.65
N THR A 78 -1.00 27.17 9.03
CA THR A 78 -2.09 27.36 8.08
C THR A 78 -3.34 27.89 8.79
N GLU A 79 -3.58 27.45 10.03
CA GLU A 79 -4.74 27.93 10.77
C GLU A 79 -4.66 29.42 11.05
N LYS A 80 -3.45 29.96 11.18
CA LYS A 80 -3.27 31.39 11.35
C LYS A 80 -3.45 32.17 10.06
N LEU A 81 -3.59 31.50 8.92
CA LEU A 81 -3.74 32.16 7.64
C LEU A 81 -5.14 32.04 7.04
N THR A 82 -5.99 31.18 7.59
CA THR A 82 -7.32 30.94 7.04
C THR A 82 -8.36 31.04 8.16
N GLN A 83 -9.61 31.24 7.74
CA GLN A 83 -10.73 31.14 8.67
C GLN A 83 -11.18 29.70 8.88
N SER A 84 -11.01 28.86 7.86
CA SER A 84 -11.31 27.44 7.95
C SER A 84 -10.45 26.70 6.93
N ILE A 85 -10.40 25.38 7.07
CA ILE A 85 -9.62 24.52 6.18
C ILE A 85 -10.60 23.54 5.56
N ASP A 86 -11.00 23.81 4.32
CA ASP A 86 -12.09 23.08 3.68
C ASP A 86 -11.63 22.04 2.67
N ILE A 87 -10.51 22.24 1.99
CA ILE A 87 -10.10 21.40 0.88
C ILE A 87 -8.66 20.95 1.09
N LEU A 88 -8.40 19.68 0.82
CA LEU A 88 -7.05 19.14 0.81
C LEU A 88 -6.80 18.42 -0.51
N VAL A 89 -5.73 18.81 -1.19
CA VAL A 89 -5.25 18.10 -2.37
C VAL A 89 -3.82 17.67 -2.06
N HIS A 90 -3.63 16.39 -1.76
CA HIS A 90 -2.30 15.89 -1.36
C HIS A 90 -1.58 15.43 -2.62
N SER A 91 -0.62 16.25 -3.06
CA SER A 91 0.11 15.99 -4.29
C SER A 91 1.61 15.85 -4.07
N ALA A 92 2.09 15.99 -2.83
CA ALA A 92 3.51 15.86 -2.56
C ALA A 92 3.93 14.39 -2.66
N GLY A 93 5.10 14.17 -3.24
CA GLY A 93 5.63 12.82 -3.35
C GLY A 93 6.79 12.78 -4.32
N ILE A 94 7.51 11.65 -4.26
CA ILE A 94 8.64 11.39 -5.13
C ILE A 94 8.33 10.17 -5.97
N ALA A 95 9.07 10.02 -7.08
CA ALA A 95 8.92 8.87 -7.96
C ALA A 95 9.72 7.66 -7.52
N GLY A 96 10.84 7.87 -6.84
CA GLY A 96 11.72 6.80 -6.44
C GLY A 96 12.53 6.25 -7.61
N GLN A 97 13.64 5.61 -7.27
CA GLN A 97 14.50 5.03 -8.29
C GLN A 97 13.92 3.70 -8.77
N ASN A 98 14.29 3.34 -9.99
CA ASN A 98 13.81 2.13 -10.63
C ASN A 98 14.83 1.01 -10.45
N ASN A 99 14.35 -0.13 -9.95
CA ASN A 99 15.17 -1.32 -9.72
C ASN A 99 14.24 -2.51 -9.48
N PRO A 100 14.60 -3.70 -9.93
CA PRO A 100 13.84 -4.90 -9.55
C PRO A 100 13.90 -5.11 -8.05
N VAL A 101 12.93 -5.88 -7.54
CA VAL A 101 12.89 -6.17 -6.11
C VAL A 101 14.19 -6.82 -5.65
N ALA A 102 14.76 -7.69 -6.49
CA ALA A 102 15.98 -8.40 -6.11
C ALA A 102 17.17 -7.46 -5.92
N ASP A 103 17.11 -6.26 -6.45
CA ASP A 103 18.22 -5.30 -6.37
C ASP A 103 17.85 -4.02 -5.64
N TYR A 104 16.64 -3.89 -5.13
CA TYR A 104 16.18 -2.62 -4.59
C TYR A 104 16.87 -2.30 -3.27
N SER A 105 17.29 -1.05 -3.12
CA SER A 105 17.97 -0.60 -1.91
C SER A 105 17.01 -0.52 -0.74
N PRO A 106 17.27 -1.21 0.37
CA PRO A 106 16.43 -1.02 1.56
C PRO A 106 16.27 0.43 1.99
N GLU A 107 17.32 1.24 1.86
CA GLU A 107 17.22 2.66 2.21
C GLU A 107 16.27 3.39 1.27
N GLU A 108 16.36 3.11 -0.03
CA GLU A 108 15.45 3.75 -0.99
C GLU A 108 14.02 3.27 -0.79
N TRP A 109 13.83 2.00 -0.41
CA TRP A 109 12.48 1.51 -0.15
C TRP A 109 11.85 2.26 1.01
N ARG A 110 12.59 2.38 2.13
CA ARG A 110 12.07 3.09 3.29
C ARG A 110 11.86 4.58 2.99
N ARG A 111 12.71 5.17 2.15
CA ARG A 111 12.53 6.57 1.79
C ARG A 111 11.25 6.80 0.99
N VAL A 112 10.93 5.88 0.08
CA VAL A 112 9.74 6.04 -0.75
C VAL A 112 8.48 5.84 0.08
N ILE A 113 8.48 4.86 0.98
CA ILE A 113 7.31 4.60 1.81
C ILE A 113 7.06 5.76 2.77
N ASP A 114 8.14 6.33 3.33
CA ASP A 114 7.97 7.43 4.28
C ASP A 114 7.36 8.65 3.61
N ILE A 115 7.79 8.98 2.40
CA ILE A 115 7.31 10.19 1.74
C ILE A 115 5.95 9.97 1.10
N ASP A 116 5.81 8.89 0.33
CA ASP A 116 4.60 8.68 -0.48
C ASP A 116 3.46 8.01 0.28
N LEU A 117 3.74 7.40 1.43
CA LEU A 117 2.68 6.74 2.21
C LEU A 117 2.56 7.32 3.61
N ASN A 118 3.63 7.26 4.42
CA ASN A 118 3.56 7.81 5.77
C ASN A 118 3.25 9.30 5.73
N GLY A 119 3.85 10.03 4.79
CA GLY A 119 3.56 11.45 4.67
C GLY A 119 2.10 11.73 4.36
N ALA A 120 1.50 10.90 3.50
CA ALA A 120 0.08 11.07 3.19
C ALA A 120 -0.78 10.88 4.42
N PHE A 121 -0.40 9.95 5.30
CA PHE A 121 -1.15 9.75 6.54
C PHE A 121 -1.03 10.96 7.45
N TYR A 122 0.19 11.49 7.62
CA TYR A 122 0.39 12.65 8.49
C TYR A 122 -0.47 13.82 8.04
N VAL A 123 -0.47 14.12 6.74
CA VAL A 123 -1.23 15.26 6.23
C VAL A 123 -2.73 15.01 6.35
N ASN A 124 -3.17 13.82 5.97
CA ASN A 124 -4.60 13.50 6.04
C ASN A 124 -5.12 13.53 7.47
N GLN A 125 -4.28 13.17 8.45
CA GLN A 125 -4.73 13.15 9.84
C GLN A 125 -5.01 14.56 10.34
N VAL A 126 -4.01 15.46 10.26
CA VAL A 126 -4.17 16.78 10.85
C VAL A 126 -5.23 17.60 10.11
N VAL A 127 -5.42 17.36 8.82
CA VAL A 127 -6.38 18.16 8.06
C VAL A 127 -7.80 17.67 8.31
N VAL A 128 -8.01 16.35 8.33
CA VAL A 128 -9.35 15.84 8.54
C VAL A 128 -9.85 16.12 9.95
N GLN A 129 -8.95 16.31 10.91
CA GLN A 129 -9.37 16.73 12.25
C GLN A 129 -10.08 18.07 12.19
N ARG A 130 -9.56 19.02 11.40
CA ARG A 130 -10.24 20.30 11.23
C ARG A 130 -11.54 20.13 10.45
N MET A 131 -11.53 19.27 9.41
CA MET A 131 -12.75 19.03 8.65
C MET A 131 -13.84 18.40 9.51
N ILE A 132 -13.45 17.54 10.44
CA ILE A 132 -14.43 16.94 11.36
C ILE A 132 -15.04 18.02 12.25
N ALA A 133 -14.22 18.94 12.75
CA ALA A 133 -14.71 19.95 13.67
C ALA A 133 -15.70 20.90 13.00
N GLN A 134 -15.57 21.13 11.70
CA GLN A 134 -16.48 22.02 10.98
C GLN A 134 -17.59 21.28 10.24
N ASN A 135 -17.55 19.94 10.25
CA ASN A 135 -18.50 19.12 9.49
C ASN A 135 -18.54 19.53 8.02
N TYR A 136 -17.36 19.80 7.46
CA TYR A 136 -17.23 19.96 6.01
C TYR A 136 -15.79 19.66 5.62
N GLY A 137 -15.63 19.01 4.48
CA GLY A 137 -14.31 18.72 3.96
C GLY A 137 -14.33 17.98 2.64
N ARG A 138 -13.36 18.28 1.78
CA ARG A 138 -13.18 17.57 0.51
C ARG A 138 -11.70 17.26 0.35
N ILE A 139 -11.38 15.98 0.16
CA ILE A 139 -10.00 15.52 0.09
C ILE A 139 -9.79 14.75 -1.20
N VAL A 140 -8.69 15.04 -1.89
CA VAL A 140 -8.24 14.28 -3.05
C VAL A 140 -6.78 13.91 -2.81
N ASN A 141 -6.49 12.61 -2.74
CA ASN A 141 -5.13 12.11 -2.61
C ASN A 141 -4.68 11.66 -4.00
N ILE A 142 -3.69 12.36 -4.56
CA ILE A 142 -3.21 12.07 -5.91
C ILE A 142 -2.29 10.85 -5.79
N ALA A 143 -2.79 9.68 -6.20
CA ALA A 143 -2.00 8.46 -6.23
C ALA A 143 -1.39 8.27 -7.60
N SER A 144 -1.57 7.08 -8.17
CA SER A 144 -0.97 6.76 -9.46
C SER A 144 -1.58 5.47 -9.98
N ILE A 145 -1.45 5.26 -11.29
CA ILE A 145 -1.84 3.99 -11.91
C ILE A 145 -1.01 2.85 -11.33
N ALA A 146 0.20 3.14 -10.85
CA ALA A 146 1.06 2.10 -10.28
C ALA A 146 0.45 1.49 -9.03
N GLY A 147 -0.36 2.26 -8.29
CA GLY A 147 -1.01 1.72 -7.10
C GLY A 147 -2.02 0.64 -7.41
N LYS A 148 -2.61 0.68 -8.61
CA LYS A 148 -3.59 -0.32 -9.02
C LYS A 148 -2.96 -1.54 -9.67
N GLU A 149 -1.83 -1.37 -10.37
CA GLU A 149 -1.31 -2.39 -11.27
C GLU A 149 -0.02 -3.04 -10.78
N GLY A 150 0.78 -2.34 -9.98
CA GLY A 150 2.08 -2.88 -9.58
C GLY A 150 3.10 -2.89 -10.71
N ASN A 151 3.62 -1.72 -11.03
CA ASN A 151 4.55 -1.59 -12.15
C ASN A 151 5.86 -2.31 -11.84
N PRO A 152 6.38 -3.13 -12.76
CA PRO A 152 7.67 -3.79 -12.53
C PRO A 152 8.80 -2.76 -12.43
N THR A 153 9.74 -3.05 -11.53
CA THR A 153 10.90 -2.22 -11.19
C THR A 153 10.53 -0.94 -10.44
N ALA A 154 9.28 -0.82 -9.99
CA ALA A 154 8.83 0.32 -9.19
C ALA A 154 7.97 -0.17 -8.02
N SER A 155 8.45 -1.20 -7.32
CA SER A 155 7.66 -1.83 -6.28
C SER A 155 7.40 -0.88 -5.11
N ALA A 156 8.41 -0.15 -4.67
CA ALA A 156 8.24 0.77 -3.54
C ALA A 156 7.20 1.84 -3.88
N TYR A 157 7.32 2.45 -5.06
CA TYR A 157 6.35 3.46 -5.47
C TYR A 157 4.95 2.87 -5.60
N SER A 158 4.84 1.69 -6.22
CA SER A 158 3.55 1.05 -6.36
C SER A 158 2.95 0.68 -5.01
N ALA A 159 3.77 0.13 -4.11
CA ALA A 159 3.26 -0.24 -2.79
C ALA A 159 2.82 0.98 -2.00
N ALA A 160 3.57 2.09 -2.09
CA ALA A 160 3.20 3.30 -1.37
C ALA A 160 1.88 3.87 -1.89
N LYS A 161 1.68 3.84 -3.21
CA LYS A 161 0.45 4.38 -3.77
C LYS A 161 -0.75 3.49 -3.47
N ALA A 162 -0.54 2.17 -3.35
CA ALA A 162 -1.62 1.27 -2.98
C ALA A 162 -2.05 1.50 -1.53
N GLY A 163 -1.09 1.80 -0.65
CA GLY A 163 -1.44 2.16 0.71
C GLY A 163 -2.24 3.45 0.79
N MET A 164 -1.88 4.42 -0.05
CA MET A 164 -2.65 5.67 -0.11
C MET A 164 -4.09 5.40 -0.54
N ILE A 165 -4.29 4.43 -1.44
CA ILE A 165 -5.63 4.10 -1.89
C ILE A 165 -6.43 3.43 -0.77
N ALA A 166 -5.79 2.51 -0.03
CA ALA A 166 -6.46 1.88 1.09
C ALA A 166 -6.70 2.86 2.23
N LEU A 167 -5.71 3.72 2.51
CA LEU A 167 -5.92 4.81 3.46
C LEU A 167 -7.12 5.66 3.06
N THR A 168 -7.25 5.95 1.77
CA THR A 168 -8.38 6.74 1.30
C THR A 168 -9.70 6.01 1.53
N LYS A 169 -9.74 4.71 1.23
CA LYS A 169 -10.96 3.93 1.44
C LYS A 169 -11.30 3.86 2.92
N SER A 170 -10.29 3.75 3.78
CA SER A 170 -10.53 3.65 5.22
C SER A 170 -11.03 4.97 5.79
N LEU A 171 -10.31 6.06 5.50
CA LEU A 171 -10.69 7.37 6.02
C LEU A 171 -12.06 7.81 5.49
N GLY A 172 -12.36 7.48 4.24
CA GLY A 172 -13.65 7.87 3.67
C GLY A 172 -14.81 7.27 4.42
N LYS A 173 -14.76 5.97 4.70
CA LYS A 173 -15.86 5.32 5.41
C LYS A 173 -15.92 5.70 6.88
N GLU A 174 -14.82 6.18 7.47
CA GLU A 174 -14.86 6.64 8.84
C GLU A 174 -15.63 7.95 8.98
N THR A 175 -15.64 8.78 7.93
CA THR A 175 -16.30 10.07 7.96
C THR A 175 -17.52 10.12 7.04
N ALA A 176 -18.10 8.96 6.72
CA ALA A 176 -19.19 8.92 5.74
C ALA A 176 -20.47 9.53 6.28
N THR A 177 -20.66 9.55 7.60
CA THR A 177 -21.83 10.19 8.19
C THR A 177 -21.65 11.68 8.41
N ARG A 178 -20.52 12.24 7.96
CA ARG A 178 -20.27 13.67 7.97
C ARG A 178 -20.25 14.19 6.55
N ASN A 179 -20.29 15.52 6.42
CA ASN A 179 -20.22 16.16 5.10
C ASN A 179 -18.76 16.26 4.64
N ILE A 180 -18.13 15.09 4.52
CA ILE A 180 -16.74 14.98 4.16
C ILE A 180 -16.60 13.95 3.05
N ALA A 181 -15.87 14.30 1.99
CA ALA A 181 -15.58 13.39 0.90
C ALA A 181 -14.08 13.13 0.85
N VAL A 182 -13.69 11.86 0.81
CA VAL A 182 -12.29 11.44 0.76
C VAL A 182 -12.13 10.50 -0.42
N ASN A 183 -11.47 10.96 -1.47
CA ASN A 183 -11.30 10.18 -2.69
C ASN A 183 -9.86 10.30 -3.18
N ALA A 184 -9.51 9.46 -4.13
CA ALA A 184 -8.17 9.43 -4.70
C ALA A 184 -8.25 9.46 -6.22
N ILE A 185 -7.12 9.82 -6.83
CA ILE A 185 -6.98 9.85 -8.29
C ILE A 185 -5.76 9.02 -8.67
N THR A 186 -5.91 8.23 -9.73
CA THR A 186 -4.84 7.37 -10.26
C THR A 186 -4.50 7.83 -11.66
N PRO A 187 -3.67 8.87 -11.79
CA PRO A 187 -3.30 9.36 -13.12
C PRO A 187 -2.22 8.49 -13.76
N ALA A 188 -2.15 8.57 -15.09
CA ALA A 188 -1.03 8.02 -15.81
C ALA A 188 0.13 9.01 -15.77
N ALA A 189 1.22 8.68 -16.45
CA ALA A 189 2.37 9.57 -16.50
C ALA A 189 1.98 10.91 -17.11
N ALA A 190 2.67 11.96 -16.66
CA ALA A 190 2.43 13.31 -17.14
C ALA A 190 3.62 13.81 -17.94
N GLN A 191 3.37 14.84 -18.75
CA GLN A 191 4.38 15.42 -19.61
C GLN A 191 5.24 16.43 -18.84
N ILE A 192 10.23 15.42 -15.07
CA ILE A 192 10.05 14.11 -14.46
C ILE A 192 10.20 13.01 -15.50
N LEU A 193 9.42 13.09 -16.57
CA LEU A 193 9.47 12.12 -17.65
C LEU A 193 10.53 12.44 -18.71
N GLU A 194 11.15 13.62 -18.64
CA GLU A 194 12.19 14.00 -19.59
C GLU A 194 13.55 13.39 -19.28
N GLN A 195 13.70 12.76 -18.10
CA GLN A 195 14.91 12.02 -17.79
C GLN A 195 14.90 10.62 -18.36
N CYS A 196 13.78 10.19 -18.94
CA CYS A 196 13.63 8.87 -19.51
C CYS A 196 14.17 8.84 -20.94
N THR A 197 14.48 7.63 -21.41
CA THR A 197 14.88 7.46 -22.79
C THR A 197 13.65 7.46 -23.70
N GLN A 198 13.89 7.71 -24.99
CA GLN A 198 12.78 7.71 -25.93
C GLN A 198 12.15 6.34 -26.04
N ALA A 199 12.97 5.29 -26.06
CA ALA A 199 12.43 3.93 -26.09
C ALA A 199 11.58 3.64 -24.87
N HIS A 200 11.96 4.19 -23.71
CA HIS A 200 11.15 4.02 -22.51
C HIS A 200 9.83 4.78 -22.63
N ILE A 201 9.84 5.94 -23.30
CA ILE A 201 8.61 6.69 -23.49
C ILE A 201 7.68 5.94 -24.43
N ASP A 202 8.23 5.33 -25.48
CA ASP A 202 7.40 4.53 -26.38
C ASP A 202 6.75 3.36 -25.66
N TYR A 203 7.42 2.77 -24.67
CA TYR A 203 6.84 1.66 -23.93
C TYR A 203 5.69 2.13 -23.04
N MET A 204 5.86 3.25 -22.34
CA MET A 204 4.80 3.76 -21.49
C MET A 204 3.58 4.16 -22.32
N LEU A 205 3.81 4.77 -23.49
CA LEU A 205 2.70 5.17 -24.34
C LEU A 205 1.97 3.97 -24.94
N SER A 206 2.66 2.84 -25.09
CA SER A 206 2.01 1.67 -25.67
C SER A 206 0.99 1.04 -24.72
N LYS A 207 1.08 1.33 -23.43
CA LYS A 207 0.09 0.84 -22.47
C LYS A 207 -1.08 1.78 -22.29
N ILE A 208 -1.02 2.98 -22.85
CA ILE A 208 -2.07 3.98 -22.72
C ILE A 208 -2.83 4.03 -24.04
N PRO A 209 -4.10 3.63 -24.08
CA PRO A 209 -4.83 3.63 -25.37
C PRO A 209 -4.98 5.01 -25.99
N ARG A 210 -5.02 6.08 -25.19
CA ARG A 210 -5.05 7.41 -25.78
C ARG A 210 -3.73 7.82 -26.41
N ALA A 211 -2.68 7.01 -26.26
CA ALA A 211 -1.39 7.22 -26.93
C ALA A 211 -0.74 8.53 -26.56
N ARG A 212 -1.09 9.10 -25.40
CA ARG A 212 -0.48 10.33 -24.95
C ARG A 212 -0.58 10.40 -23.43
N PHE A 213 0.25 11.25 -22.84
CA PHE A 213 0.23 11.44 -21.40
C PHE A 213 -0.83 12.46 -21.02
N VAL A 214 -1.29 12.39 -19.77
CA VAL A 214 -2.29 13.32 -19.29
C VAL A 214 -1.67 14.71 -19.14
N LYS A 215 -2.42 15.73 -19.52
CA LYS A 215 -2.02 17.11 -19.34
C LYS A 215 -2.43 17.57 -17.94
N VAL A 216 -1.60 18.41 -17.33
CA VAL A 216 -1.92 18.95 -16.01
C VAL A 216 -3.23 19.71 -16.03
N GLU A 217 -3.64 20.20 -17.20
CA GLU A 217 -4.95 20.84 -17.35
C GLU A 217 -6.07 19.86 -17.02
N GLU A 218 -5.95 18.63 -17.53
CA GLU A 218 -7.02 17.66 -17.41
C GLU A 218 -7.12 17.12 -15.98
N LEU A 219 -5.97 16.91 -15.34
CA LEU A 219 -5.99 16.51 -13.93
C LEU A 219 -6.61 17.59 -13.06
N ALA A 220 -6.19 18.84 -13.24
CA ALA A 220 -6.70 19.94 -12.43
C ALA A 220 -8.21 20.10 -12.60
N ALA A 221 -8.71 19.87 -13.82
CA ALA A 221 -10.15 19.96 -14.05
C ALA A 221 -10.91 18.91 -13.24
N MET A 222 -10.41 17.68 -13.23
CA MET A 222 -11.11 16.62 -12.50
C MET A 222 -10.97 16.80 -10.98
N VAL A 223 -9.80 17.25 -10.52
CA VAL A 223 -9.64 17.54 -9.10
C VAL A 223 -10.58 18.64 -8.66
N ALA A 224 -10.76 19.66 -9.50
CA ALA A 224 -11.60 20.81 -9.14
C ALA A 224 -13.03 20.37 -8.86
N TRP A 225 -13.56 19.44 -9.65
CA TRP A 225 -14.90 18.94 -9.39
C TRP A 225 -14.93 18.07 -8.15
N LEU A 226 -13.90 17.25 -7.95
CA LEU A 226 -13.87 16.35 -6.80
C LEU A 226 -13.77 17.08 -5.47
N VAL A 227 -13.31 18.32 -5.47
CA VAL A 227 -13.21 19.11 -4.25
C VAL A 227 -14.29 20.19 -4.18
N SER A 228 -15.30 20.12 -5.04
CA SER A 228 -16.41 21.05 -5.00
C SER A 228 -17.53 20.51 -4.09
N GLU A 229 -18.50 21.38 -3.80
CA GLU A 229 -19.64 20.97 -2.98
C GLU A 229 -20.47 19.89 -3.66
N GLU A 230 -20.56 19.93 -5.00
CA GLU A 230 -21.43 19.00 -5.71
C GLU A 230 -20.96 17.56 -5.63
N ASN A 231 -19.71 17.32 -5.21
CA ASN A 231 -19.26 15.97 -4.88
C ASN A 231 -19.63 15.68 -3.43
N SER A 232 -20.93 15.51 -3.21
CA SER A 232 -21.49 15.40 -1.86
C SER A 232 -21.85 13.97 -1.47
N PHE A 233 -21.76 13.01 -2.39
CA PHE A 233 -22.13 11.63 -2.10
C PHE A 233 -20.99 10.65 -2.24
N THR A 234 -20.21 10.74 -3.31
CA THR A 234 -19.16 9.77 -3.56
C THR A 234 -17.99 9.98 -2.60
N THR A 235 -17.62 8.92 -1.88
CA THR A 235 -16.50 8.96 -0.96
C THR A 235 -15.86 7.59 -0.92
N ALA A 236 -14.61 7.55 -0.46
CA ALA A 236 -13.82 6.32 -0.40
C ALA A 236 -13.71 5.64 -1.76
N SER A 237 -13.66 6.44 -2.83
CA SER A 237 -13.59 5.92 -4.19
C SER A 237 -12.30 6.33 -4.86
N VAL A 238 -12.00 5.66 -5.96
CA VAL A 238 -10.82 5.94 -6.77
C VAL A 238 -11.28 6.41 -8.14
N PHE A 239 -10.88 7.62 -8.51
CA PHE A 239 -11.20 8.19 -9.81
C PHE A 239 -9.99 8.08 -10.71
N ASP A 240 -10.19 7.58 -11.93
CA ASP A 240 -9.08 7.20 -12.80
C ASP A 240 -8.74 8.33 -13.77
N LEU A 241 -7.46 8.47 -14.06
CA LEU A 241 -6.94 9.42 -15.05
C LEU A 241 -5.83 8.77 -15.87
N SER A 242 -6.08 7.56 -16.36
CA SER A 242 -5.07 6.78 -17.07
C SER A 242 -5.29 6.74 -18.57
N GLY A 243 -6.32 7.41 -19.09
CA GLY A 243 -6.54 7.45 -20.52
C GLY A 243 -6.93 6.13 -21.14
N GLY A 244 -7.63 5.27 -20.41
CA GLY A 244 -8.09 4.00 -20.93
C GLY A 244 -7.22 2.81 -20.57
N ARG A 245 -6.13 3.00 -19.84
CA ARG A 245 -5.23 1.89 -19.52
C ARG A 245 -5.81 1.02 -18.41
N ALA A 246 -6.31 1.63 -17.34
CA ALA A 246 -6.77 0.89 -16.19
C ALA A 246 -7.99 0.04 -16.55
N THR A 247 -8.06 -1.16 -15.96
CA THR A 247 -9.18 -2.06 -16.18
C THR A 247 -10.11 -2.15 -14.99
N TYR A 248 -9.84 -1.41 -13.92
CA TYR A 248 -10.76 -1.34 -12.78
C TYR A 248 -10.57 -0.04 -11.99
N MET B 1 -9.82 -35.71 0.77
CA MET B 1 -8.61 -34.92 0.96
C MET B 1 -7.67 -35.02 -0.24
N ASN B 2 -7.13 -33.89 -0.65
CA ASN B 2 -6.16 -33.85 -1.73
C ASN B 2 -4.75 -34.16 -1.21
N HIS B 3 -3.80 -34.30 -2.14
CA HIS B 3 -2.39 -34.47 -1.83
C HIS B 3 -1.56 -33.53 -2.69
N TYR B 4 -0.82 -32.64 -2.04
CA TYR B 4 0.12 -31.76 -2.71
C TYR B 4 1.53 -32.29 -2.46
N ASP B 5 2.25 -32.61 -3.53
CA ASP B 5 3.57 -33.21 -3.42
C ASP B 5 4.65 -32.14 -3.27
N PHE B 6 5.60 -32.41 -2.37
CA PHE B 6 6.71 -31.49 -2.16
C PHE B 6 8.05 -32.21 -1.96
N GLN B 7 8.20 -33.43 -2.46
CA GLN B 7 9.45 -34.15 -2.29
C GLN B 7 10.58 -33.42 -3.01
N GLY B 8 11.67 -33.15 -2.27
CA GLY B 8 12.79 -32.42 -2.81
C GLY B 8 12.69 -30.90 -2.68
N ARG B 9 11.58 -30.38 -2.20
CA ARG B 9 11.40 -28.95 -2.04
C ARG B 9 11.62 -28.54 -0.59
N SER B 10 12.13 -27.33 -0.40
CA SER B 10 12.34 -26.75 0.92
C SER B 10 11.57 -25.43 1.02
N ALA B 11 11.02 -25.16 2.20
CA ALA B 11 10.11 -24.05 2.36
C ALA B 11 10.50 -23.19 3.56
N ILE B 12 10.37 -21.87 3.39
CA ILE B 12 10.46 -20.91 4.47
C ILE B 12 9.06 -20.40 4.77
N ILE B 13 8.67 -20.42 6.04
CA ILE B 13 7.36 -19.94 6.47
C ILE B 13 7.60 -18.98 7.63
N THR B 14 7.48 -17.68 7.37
CA THR B 14 7.57 -16.71 8.45
C THR B 14 6.29 -16.75 9.28
N GLY B 15 6.44 -16.48 10.57
CA GLY B 15 5.33 -16.64 11.49
C GLY B 15 4.83 -18.07 11.58
N GLY B 16 5.70 -19.04 11.34
CA GLY B 16 5.32 -20.44 11.28
C GLY B 16 5.11 -21.11 12.62
N ALA B 17 5.36 -20.41 13.73
CA ALA B 17 5.23 -21.04 15.03
C ALA B 17 3.77 -21.19 15.46
N GLN B 18 2.88 -20.34 14.95
CA GLN B 18 1.47 -20.41 15.31
C GLN B 18 0.63 -19.79 14.21
N GLY B 19 -0.67 -20.01 14.31
CA GLY B 19 -1.61 -19.36 13.40
C GLY B 19 -1.58 -19.96 12.01
N PHE B 20 -1.63 -19.09 11.00
CA PHE B 20 -1.67 -19.54 9.61
C PHE B 20 -0.38 -20.26 9.22
N GLY B 21 0.77 -19.68 9.57
CA GLY B 21 2.03 -20.29 9.21
C GLY B 21 2.20 -21.69 9.77
N TYR B 22 1.75 -21.90 11.01
CA TYR B 22 1.83 -23.23 11.60
C TYR B 22 0.94 -24.22 10.85
N ALA B 23 -0.26 -23.79 10.47
CA ALA B 23 -1.16 -24.68 9.73
C ALA B 23 -0.59 -25.02 8.36
N VAL B 24 0.07 -24.05 7.72
CA VAL B 24 0.69 -24.30 6.42
C VAL B 24 1.84 -25.28 6.57
N ALA B 25 2.70 -25.07 7.57
CA ALA B 25 3.82 -25.97 7.81
C ALA B 25 3.36 -27.41 8.01
N GLU B 26 2.27 -27.60 8.75
CA GLU B 26 1.76 -28.94 8.98
C GLU B 26 1.32 -29.60 7.68
N ARG B 27 0.76 -28.83 6.76
CA ARG B 27 0.29 -29.39 5.50
C ARG B 27 1.45 -29.63 4.54
N LEU B 28 2.42 -28.70 4.49
CA LEU B 28 3.60 -28.91 3.66
C LEU B 28 4.40 -30.12 4.13
N LEU B 29 4.42 -30.38 5.45
CA LEU B 29 5.06 -31.60 5.94
C LEU B 29 4.29 -32.85 5.53
N GLN B 30 2.97 -32.73 5.34
CA GLN B 30 2.22 -33.86 4.79
C GLN B 30 2.61 -34.11 3.33
N GLY B 31 2.97 -33.05 2.60
CA GLY B 31 3.56 -33.21 1.30
C GLY B 31 5.04 -33.50 1.33
N LYS B 32 5.60 -33.59 2.54
CA LYS B 32 6.98 -34.02 2.78
C LYS B 32 7.98 -32.99 2.24
N ALA B 33 7.61 -31.71 2.34
CA ALA B 33 8.54 -30.63 2.10
C ALA B 33 9.53 -30.52 3.26
N LYS B 34 10.64 -29.84 3.00
CA LYS B 34 11.56 -29.42 4.05
C LYS B 34 11.12 -28.05 4.53
N VAL B 35 10.81 -27.93 5.82
CA VAL B 35 10.18 -26.74 6.36
C VAL B 35 11.14 -26.06 7.32
N VAL B 36 11.33 -24.75 7.14
CA VAL B 36 12.12 -23.92 8.03
C VAL B 36 11.21 -22.84 8.58
N LEU B 37 11.01 -22.84 9.89
CA LEU B 37 10.12 -21.89 10.53
C LEU B 37 10.88 -20.63 10.93
N TRP B 38 10.44 -19.49 10.43
CA TRP B 38 10.95 -18.19 10.83
C TRP B 38 9.95 -17.54 11.78
N ASP B 39 10.40 -17.17 12.97
CA ASP B 39 9.53 -16.47 13.91
C ASP B 39 10.40 -15.74 14.92
N MET B 40 9.82 -14.72 15.54
CA MET B 40 10.57 -13.92 16.52
C MET B 40 10.58 -14.57 17.90
N ASP B 41 9.58 -15.38 18.23
CA ASP B 41 9.47 -15.98 19.55
C ASP B 41 10.20 -17.32 19.54
N ASP B 42 11.30 -17.40 20.30
CA ASP B 42 12.08 -18.63 20.36
C ASP B 42 11.35 -19.71 21.16
N LYS B 43 10.52 -19.32 22.12
CA LYS B 43 9.76 -20.31 22.89
C LYS B 43 8.72 -20.99 22.02
N ALA B 44 7.94 -20.21 21.28
CA ALA B 44 6.93 -20.79 20.40
C ALA B 44 7.57 -21.63 19.30
N LEU B 45 8.76 -21.23 18.82
CA LEU B 45 9.46 -22.02 17.82
C LEU B 45 9.83 -23.40 18.35
N ALA B 46 10.29 -23.47 19.61
CA ALA B 46 10.65 -24.75 20.19
C ALA B 46 9.44 -25.64 20.39
N GLU B 47 8.32 -25.05 20.80
CA GLU B 47 7.08 -25.82 20.95
C GLU B 47 6.51 -26.23 19.61
N ALA B 48 6.65 -25.39 18.59
CA ALA B 48 6.20 -25.76 17.25
C ALA B 48 6.96 -26.97 16.73
N ARG B 49 8.29 -26.93 16.83
CA ARG B 49 9.10 -28.06 16.40
C ARG B 49 8.76 -29.32 17.19
N ALA B 50 8.42 -29.18 18.47
CA ALA B 50 8.07 -30.33 19.29
C ALA B 50 6.80 -31.00 18.80
N LYS B 51 5.78 -30.21 18.46
CA LYS B 51 4.53 -30.78 17.93
C LYS B 51 4.76 -31.40 16.56
N LEU B 52 5.61 -30.79 15.74
CA LEU B 52 5.75 -31.14 14.33
C LEU B 52 6.72 -32.29 14.07
N GLU B 53 7.57 -32.64 15.04
CA GLU B 53 8.59 -33.68 14.80
C GLU B 53 8.02 -35.01 14.30
N PRO B 54 6.94 -35.57 14.86
CA PRO B 54 6.39 -36.80 14.30
C PRO B 54 5.91 -36.68 12.86
N LEU B 55 5.79 -35.46 12.33
CA LEU B 55 5.33 -35.26 10.96
C LEU B 55 6.46 -35.14 9.95
N GLY B 56 7.67 -34.81 10.38
CA GLY B 56 8.76 -34.76 9.42
C GLY B 56 9.89 -33.87 9.88
N ASN B 57 10.64 -33.36 8.91
CA ASN B 57 11.88 -32.63 9.15
C ASN B 57 11.57 -31.14 9.24
N VAL B 58 11.89 -30.53 10.38
CA VAL B 58 11.55 -29.12 10.64
C VAL B 58 12.74 -28.43 11.30
N GLU B 59 13.04 -27.22 10.84
CA GLU B 59 14.06 -26.36 11.42
C GLU B 59 13.44 -25.04 11.85
N THR B 60 14.16 -24.32 12.72
CA THR B 60 13.69 -23.04 13.26
C THR B 60 14.78 -21.99 13.15
N VAL B 61 14.38 -20.75 12.86
CA VAL B 61 15.29 -19.61 12.81
C VAL B 61 14.62 -18.43 13.49
N ARG B 62 15.23 -17.92 14.55
CA ARG B 62 14.72 -16.72 15.21
C ARG B 62 15.12 -15.48 14.42
N VAL B 63 14.14 -14.65 14.08
CA VAL B 63 14.39 -13.48 13.24
C VAL B 63 13.22 -12.51 13.41
N ASP B 64 13.54 -11.21 13.47
CA ASP B 64 12.55 -10.15 13.39
C ASP B 64 12.52 -9.67 11.94
N ILE B 65 11.44 -10.00 11.23
CA ILE B 65 11.37 -9.72 9.80
C ILE B 65 11.26 -8.23 9.50
N SER B 66 11.00 -7.40 10.51
CA SER B 66 11.02 -5.96 10.34
C SER B 66 12.43 -5.38 10.46
N ASP B 67 13.41 -6.21 10.81
CA ASP B 67 14.81 -5.81 10.91
C ASP B 67 15.53 -6.37 9.68
N GLN B 68 15.92 -5.49 8.76
CA GLN B 68 16.50 -5.94 7.50
C GLN B 68 17.79 -6.71 7.72
N SER B 69 18.63 -6.25 8.65
CA SER B 69 19.88 -6.96 8.93
C SER B 69 19.61 -8.34 9.52
N ASP B 70 18.59 -8.44 10.38
CA ASP B 70 18.23 -9.75 10.93
C ASP B 70 17.70 -10.68 9.86
N VAL B 71 17.03 -10.13 8.83
CA VAL B 71 16.57 -10.95 7.71
C VAL B 71 17.76 -11.48 6.93
N GLN B 72 18.80 -10.66 6.76
CA GLN B 72 19.98 -11.11 6.04
C GLN B 72 20.67 -12.26 6.79
N GLN B 73 20.73 -12.19 8.12
CA GLN B 73 21.27 -13.30 8.88
C GLN B 73 20.37 -14.53 8.80
N ALA B 74 19.06 -14.32 8.65
CA ALA B 74 18.14 -15.45 8.60
C ALA B 74 18.29 -16.23 7.30
N ILE B 75 18.42 -15.53 6.17
CA ILE B 75 18.55 -16.21 4.90
C ILE B 75 19.88 -16.96 4.81
N GLU B 76 20.93 -16.39 5.42
CA GLU B 76 22.22 -17.07 5.44
C GLU B 76 22.18 -18.32 6.32
N ALA B 77 21.53 -18.22 7.49
CA ALA B 77 21.38 -19.39 8.34
C ALA B 77 20.54 -20.46 7.67
N THR B 78 19.49 -20.04 6.95
CA THR B 78 18.64 -21.00 6.24
C THR B 78 19.43 -21.71 5.14
N GLU B 79 20.34 -21.00 4.47
CA GLU B 79 21.12 -21.62 3.41
C GLU B 79 22.01 -22.75 3.92
N LYS B 80 22.47 -22.64 5.17
CA LYS B 80 23.25 -23.71 5.78
C LYS B 80 22.39 -24.88 6.24
N LEU B 81 21.06 -24.75 6.17
CA LEU B 81 20.16 -25.81 6.60
C LEU B 81 19.43 -26.51 5.45
N THR B 82 19.48 -25.96 4.23
CA THR B 82 18.75 -26.51 3.11
C THR B 82 19.67 -26.70 1.92
N GLN B 83 19.22 -27.53 0.98
CA GLN B 83 19.90 -27.64 -0.31
C GLN B 83 19.45 -26.56 -1.28
N SER B 84 18.20 -26.11 -1.18
CA SER B 84 17.68 -25.03 -2.00
C SER B 84 16.54 -24.38 -1.25
N ILE B 85 16.13 -23.21 -1.73
CA ILE B 85 15.03 -22.45 -1.13
C ILE B 85 13.98 -22.27 -2.22
N ASP B 86 12.95 -23.11 -2.19
CA ASP B 86 11.97 -23.20 -3.27
C ASP B 86 10.66 -22.50 -2.97
N ILE B 87 10.25 -22.47 -1.70
CA ILE B 87 8.92 -22.00 -1.33
C ILE B 87 9.05 -20.96 -0.23
N LEU B 88 8.28 -19.87 -0.34
CA LEU B 88 8.17 -18.88 0.71
C LEU B 88 6.69 -18.65 1.02
N VAL B 89 6.32 -18.77 2.28
CA VAL B 89 5.00 -18.43 2.78
C VAL B 89 5.21 -17.36 3.85
N HIS B 90 4.93 -16.10 3.50
CA HIS B 90 5.15 -14.99 4.43
C HIS B 90 3.87 -14.74 5.22
N SER B 91 3.88 -15.15 6.49
CA SER B 91 2.71 -15.04 7.34
C SER B 91 2.93 -14.20 8.57
N ALA B 92 4.15 -13.68 8.78
CA ALA B 92 4.41 -12.87 9.96
C ALA B 92 3.74 -11.50 9.85
N GLY B 93 3.20 -11.03 10.96
CA GLY B 93 2.59 -9.71 10.97
C GLY B 93 1.80 -9.50 12.23
N ILE B 94 1.44 -8.24 12.47
CA ILE B 94 0.64 -7.83 13.60
C ILE B 94 -0.67 -7.25 13.10
N ALA B 95 -1.65 -7.20 13.99
CA ALA B 95 -2.94 -6.62 13.64
C ALA B 95 -2.98 -5.11 13.81
N GLY B 96 -2.18 -4.57 14.72
CA GLY B 96 -2.20 -3.15 15.02
C GLY B 96 -3.40 -2.74 15.84
N GLN B 97 -3.33 -1.62 16.54
CA GLN B 97 -4.46 -1.17 17.34
C GLN B 97 -5.51 -0.51 16.45
N ASN B 98 -6.76 -0.51 16.92
CA ASN B 98 -7.87 0.04 16.17
C ASN B 98 -8.14 1.48 16.62
N ASN B 99 -8.18 2.39 15.66
CA ASN B 99 -8.43 3.81 15.90
C ASN B 99 -8.76 4.48 14.58
N PRO B 100 -9.66 5.46 14.57
CA PRO B 100 -9.86 6.27 13.37
C PRO B 100 -8.59 7.03 13.01
N VAL B 101 -8.52 7.44 11.74
CA VAL B 101 -7.35 8.18 11.26
C VAL B 101 -7.12 9.43 12.09
N ALA B 102 -8.21 10.11 12.48
CA ALA B 102 -8.07 11.35 13.24
C ALA B 102 -7.43 11.15 14.60
N ASP B 103 -7.43 9.93 15.13
CA ASP B 103 -6.86 9.65 16.44
C ASP B 103 -5.73 8.64 16.41
N TYR B 104 -5.31 8.18 15.22
CA TYR B 104 -4.34 7.09 15.16
C TYR B 104 -2.96 7.59 15.59
N SER B 105 -2.30 6.80 16.42
CA SER B 105 -1.01 7.17 16.96
C SER B 105 0.08 7.07 15.89
N PRO B 106 0.83 8.15 15.64
CA PRO B 106 1.96 8.07 14.70
C PRO B 106 2.92 6.92 14.96
N GLU B 107 3.21 6.57 16.21
CA GLU B 107 4.11 5.45 16.47
C GLU B 107 3.47 4.13 16.01
N GLU B 108 2.19 3.94 16.27
CA GLU B 108 1.52 2.72 15.86
C GLU B 108 1.42 2.61 14.34
N TRP B 109 1.24 3.73 13.64
CA TRP B 109 1.18 3.69 12.18
C TRP B 109 2.50 3.21 11.60
N ARG B 110 3.61 3.82 12.04
CA ARG B 110 4.92 3.42 11.54
C ARG B 110 5.27 2.01 11.97
N ARG B 111 4.83 1.58 13.16
CA ARG B 111 5.08 0.20 13.59
C ARG B 111 4.36 -0.80 12.70
N VAL B 112 3.13 -0.48 12.29
CA VAL B 112 2.37 -1.39 11.43
C VAL B 112 2.98 -1.43 10.03
N ILE B 113 3.37 -0.28 9.49
CA ILE B 113 3.96 -0.25 8.15
C ILE B 113 5.30 -0.98 8.13
N ASP B 114 6.11 -0.81 9.18
CA ASP B 114 7.42 -1.45 9.22
C ASP B 114 7.31 -2.97 9.24
N ILE B 115 6.38 -3.50 10.03
CA ILE B 115 6.28 -4.95 10.19
C ILE B 115 5.50 -5.58 9.03
N ASP B 116 4.32 -5.02 8.72
CA ASP B 116 3.42 -5.65 7.77
C ASP B 116 3.72 -5.31 6.31
N LEU B 117 4.52 -4.28 6.04
CA LEU B 117 4.84 -3.91 4.67
C LEU B 117 6.34 -3.95 4.40
N ASN B 118 7.14 -3.16 5.13
CA ASN B 118 8.59 -3.18 4.93
C ASN B 118 9.16 -4.57 5.18
N GLY B 119 8.65 -5.26 6.22
CA GLY B 119 9.11 -6.61 6.50
C GLY B 119 8.85 -7.56 5.34
N ALA B 120 7.68 -7.44 4.71
CA ALA B 120 7.37 -8.29 3.56
C ALA B 120 8.36 -8.06 2.42
N PHE B 121 8.80 -6.82 2.22
CA PHE B 121 9.79 -6.54 1.18
C PHE B 121 11.13 -7.17 1.52
N TYR B 122 11.59 -7.03 2.76
CA TYR B 122 12.88 -7.60 3.15
C TYR B 122 12.92 -9.10 2.91
N VAL B 123 11.88 -9.81 3.34
CA VAL B 123 11.86 -11.27 3.20
C VAL B 123 11.74 -11.67 1.73
N ASN B 124 10.83 -11.02 1.00
CA ASN B 124 10.65 -11.35 -0.42
C ASN B 124 11.90 -11.06 -1.24
N GLN B 125 12.66 -10.03 -0.86
CA GLN B 125 13.87 -9.69 -1.62
C GLN B 125 14.93 -10.77 -1.51
N VAL B 126 15.33 -11.11 -0.29
CA VAL B 126 16.44 -12.05 -0.11
C VAL B 126 16.06 -13.44 -0.57
N VAL B 127 14.78 -13.81 -0.48
CA VAL B 127 14.37 -15.16 -0.85
C VAL B 127 14.25 -15.29 -2.37
N VAL B 128 13.71 -14.27 -3.04
CA VAL B 128 13.57 -14.34 -4.49
C VAL B 128 14.92 -14.32 -5.18
N GLN B 129 15.95 -13.75 -4.52
CA GLN B 129 17.30 -13.82 -5.08
C GLN B 129 17.75 -15.26 -5.25
N ARG B 130 17.49 -16.11 -4.26
CA ARG B 130 17.83 -17.53 -4.39
C ARG B 130 16.94 -18.21 -5.44
N MET B 131 15.65 -17.86 -5.46
CA MET B 131 14.74 -18.44 -6.44
C MET B 131 15.14 -18.09 -7.86
N ILE B 132 15.66 -16.87 -8.07
CA ILE B 132 16.11 -16.47 -9.39
C ILE B 132 17.32 -17.31 -9.82
N ALA B 133 18.27 -17.54 -8.91
CA ALA B 133 19.49 -18.25 -9.27
C ALA B 133 19.22 -19.70 -9.64
N GLN B 134 18.16 -20.31 -9.09
CA GLN B 134 17.82 -21.69 -9.39
C GLN B 134 16.73 -21.81 -10.45
N ASN B 135 16.17 -20.69 -10.91
CA ASN B 135 15.06 -20.67 -11.85
C ASN B 135 13.90 -21.54 -11.37
N TYR B 136 13.60 -21.45 -10.07
CA TYR B 136 12.39 -22.04 -9.53
C TYR B 136 12.00 -21.30 -8.26
N GLY B 137 10.69 -21.12 -8.07
CA GLY B 137 10.20 -20.50 -6.85
C GLY B 137 8.68 -20.37 -6.79
N ARG B 138 8.11 -20.53 -5.61
CA ARG B 138 6.69 -20.32 -5.37
C ARG B 138 6.54 -19.50 -4.09
N ILE B 139 5.83 -18.37 -4.19
CA ILE B 139 5.71 -17.43 -3.08
C ILE B 139 4.24 -17.14 -2.84
N VAL B 140 3.82 -17.16 -1.58
CA VAL B 140 2.50 -16.71 -1.17
C VAL B 140 2.67 -15.70 -0.05
N ASN B 141 2.24 -14.46 -0.28
CA ASN B 141 2.24 -13.41 0.73
C ASN B 141 0.83 -13.28 1.29
N ILE B 142 0.67 -13.61 2.56
CA ILE B 142 -0.64 -13.60 3.20
C ILE B 142 -1.01 -12.15 3.54
N ALA B 143 -1.93 -11.57 2.77
CA ALA B 143 -2.43 -10.23 3.05
C ALA B 143 -3.70 -10.32 3.88
N SER B 144 -4.76 -9.64 3.47
CA SER B 144 -6.02 -9.61 4.22
C SER B 144 -7.09 -8.98 3.34
N ILE B 145 -8.34 -9.23 3.68
CA ILE B 145 -9.46 -8.55 3.03
C ILE B 145 -9.36 -7.04 3.23
N ALA B 146 -8.70 -6.62 4.32
CA ALA B 146 -8.53 -5.20 4.59
C ALA B 146 -7.69 -4.52 3.51
N GLY B 147 -6.77 -5.26 2.89
CA GLY B 147 -5.95 -4.68 1.83
C GLY B 147 -6.76 -4.33 0.60
N LYS B 148 -7.87 -5.02 0.37
CA LYS B 148 -8.73 -4.75 -0.78
C LYS B 148 -9.78 -3.69 -0.49
N GLU B 149 -10.24 -3.60 0.76
CA GLU B 149 -11.43 -2.84 1.09
C GLU B 149 -11.16 -1.58 1.90
N GLY B 150 -10.07 -1.52 2.65
CA GLY B 150 -9.83 -0.39 3.52
C GLY B 150 -10.74 -0.37 4.73
N ASN B 151 -10.49 -1.24 5.70
CA ASN B 151 -11.36 -1.35 6.86
C ASN B 151 -11.30 -0.09 7.71
N PRO B 152 -12.44 0.49 8.09
CA PRO B 152 -12.43 1.66 8.97
C PRO B 152 -11.87 1.31 10.34
N THR B 153 -11.12 2.25 10.91
CA THR B 153 -10.41 2.14 12.18
C THR B 153 -9.23 1.18 12.10
N ALA B 154 -8.87 0.73 10.91
CA ALA B 154 -7.70 -0.12 10.69
C ALA B 154 -6.95 0.38 9.47
N SER B 155 -6.74 1.70 9.39
CA SER B 155 -6.14 2.30 8.21
C SER B 155 -4.70 1.85 8.03
N ALA B 156 -3.92 1.82 9.11
CA ALA B 156 -2.53 1.39 9.02
C ALA B 156 -2.42 -0.04 8.52
N TYR B 157 -3.21 -0.94 9.13
CA TYR B 157 -3.20 -2.34 8.70
C TYR B 157 -3.69 -2.48 7.27
N SER B 158 -4.77 -1.79 6.92
CA SER B 158 -5.29 -1.87 5.55
C SER B 158 -4.29 -1.33 4.54
N ALA B 159 -3.65 -0.20 4.86
CA ALA B 159 -2.66 0.38 3.95
C ALA B 159 -1.46 -0.54 3.78
N ALA B 160 -1.01 -1.16 4.88
CA ALA B 160 0.14 -2.05 4.80
C ALA B 160 -0.17 -3.29 3.96
N LYS B 161 -1.37 -3.85 4.11
CA LYS B 161 -1.72 -5.06 3.35
C LYS B 161 -1.95 -4.74 1.88
N ALA B 162 -2.45 -3.54 1.57
CA ALA B 162 -2.59 -3.16 0.17
C ALA B 162 -1.24 -2.98 -0.50
N GLY B 163 -0.25 -2.47 0.25
CA GLY B 163 1.10 -2.39 -0.28
C GLY B 163 1.69 -3.76 -0.55
N MET B 164 1.40 -4.73 0.32
CA MET B 164 1.86 -6.09 0.09
C MET B 164 1.29 -6.64 -1.21
N ILE B 165 0.04 -6.30 -1.52
CA ILE B 165 -0.58 -6.76 -2.76
C ILE B 165 0.07 -6.10 -3.97
N ALA B 166 0.37 -4.81 -3.87
CA ALA B 166 1.07 -4.13 -4.96
C ALA B 166 2.49 -4.64 -5.10
N LEU B 167 3.18 -4.87 -3.98
CA LEU B 167 4.49 -5.52 -4.01
C LEU B 167 4.43 -6.85 -4.75
N THR B 168 3.37 -7.64 -4.49
CA THR B 168 3.23 -8.94 -5.15
C THR B 168 3.06 -8.78 -6.66
N LYS B 169 2.24 -7.81 -7.09
CA LYS B 169 2.03 -7.61 -8.51
C LYS B 169 3.31 -7.16 -9.22
N SER B 170 4.13 -6.34 -8.55
CA SER B 170 5.37 -5.87 -9.15
C SER B 170 6.39 -7.00 -9.26
N LEU B 171 6.64 -7.70 -8.15
CA LEU B 171 7.62 -8.79 -8.16
C LEU B 171 7.18 -9.93 -9.07
N GLY B 172 5.88 -10.19 -9.14
CA GLY B 172 5.40 -11.26 -10.00
C GLY B 172 5.73 -11.02 -11.46
N LYS B 173 5.44 -9.81 -11.95
CA LYS B 173 5.71 -9.50 -13.35
C LYS B 173 7.20 -9.34 -13.63
N GLU B 174 8.01 -9.05 -12.60
CA GLU B 174 9.45 -8.97 -12.81
C GLU B 174 10.07 -10.35 -13.07
N THR B 175 9.45 -11.41 -12.53
CA THR B 175 9.97 -12.77 -12.65
C THR B 175 9.07 -13.64 -13.52
N ALA B 176 8.25 -13.04 -14.38
CA ALA B 176 7.26 -13.81 -15.13
C ALA B 176 7.89 -14.69 -16.19
N THR B 177 9.07 -14.31 -16.70
CA THR B 177 9.76 -15.12 -17.69
C THR B 177 10.64 -16.21 -17.05
N ARG B 178 10.58 -16.36 -15.73
CA ARG B 178 11.23 -17.44 -15.02
C ARG B 178 10.17 -18.37 -14.44
N ASN B 179 10.61 -19.53 -13.96
CA ASN B 179 9.72 -20.50 -13.33
C ASN B 179 9.46 -20.10 -11.87
N ILE B 180 8.91 -18.90 -11.71
CA ILE B 180 8.65 -18.31 -10.41
C ILE B 180 7.22 -17.80 -10.38
N ALA B 181 6.48 -18.15 -9.33
CA ALA B 181 5.13 -17.67 -9.11
C ALA B 181 5.10 -16.85 -7.83
N VAL B 182 4.54 -15.64 -7.92
CA VAL B 182 4.44 -14.73 -6.79
C VAL B 182 2.99 -14.30 -6.68
N ASN B 183 2.29 -14.76 -5.65
CA ASN B 183 0.87 -14.49 -5.47
C ASN B 183 0.59 -14.13 -4.03
N ALA B 184 -0.62 -13.61 -3.78
CA ALA B 184 -1.05 -13.20 -2.46
C ALA B 184 -2.41 -13.79 -2.14
N ILE B 185 -2.74 -13.82 -0.85
CA ILE B 185 -4.03 -14.31 -0.37
C ILE B 185 -4.65 -13.24 0.52
N THR B 186 -5.96 -13.02 0.36
CA THR B 186 -6.72 -12.04 1.13
C THR B 186 -7.78 -12.78 1.95
N PRO B 187 -7.41 -13.36 3.09
CA PRO B 187 -8.39 -14.06 3.92
C PRO B 187 -9.19 -13.10 4.78
N ALA B 188 -10.37 -13.57 5.20
CA ALA B 188 -11.12 -12.89 6.24
C ALA B 188 -10.56 -13.27 7.61
N ALA B 189 -11.22 -12.80 8.67
CA ALA B 189 -10.77 -13.12 10.02
C ALA B 189 -10.78 -14.62 10.25
N ALA B 190 -9.87 -15.09 11.09
CA ALA B 190 -9.77 -16.50 11.42
C ALA B 190 -10.13 -16.74 12.88
N CYS B 196 -11.73 -10.31 21.37
CA CYS B 196 -12.74 -9.44 20.79
C CYS B 196 -14.06 -9.56 21.56
N THR B 197 -14.90 -8.54 21.43
CA THR B 197 -16.23 -8.57 22.03
C THR B 197 -17.20 -9.34 21.13
N GLN B 198 -18.31 -9.77 21.73
CA GLN B 198 -19.32 -10.49 20.97
C GLN B 198 -20.00 -9.59 19.94
N ALA B 199 -20.31 -8.35 20.32
CA ALA B 199 -20.93 -7.42 19.38
C ALA B 199 -20.03 -7.15 18.19
N HIS B 200 -18.71 -7.09 18.42
CA HIS B 200 -17.77 -6.88 17.32
C HIS B 200 -17.72 -8.10 16.41
N ILE B 201 -17.84 -9.30 16.98
CA ILE B 201 -17.80 -10.51 16.17
C ILE B 201 -19.05 -10.61 15.30
N ASP B 202 -20.21 -10.25 15.83
CA ASP B 202 -21.43 -10.23 15.02
C ASP B 202 -21.31 -9.27 13.84
N TYR B 203 -20.58 -8.17 14.04
CA TYR B 203 -20.39 -7.20 12.96
C TYR B 203 -19.49 -7.78 11.87
N MET B 204 -18.39 -8.42 12.25
CA MET B 204 -17.52 -9.04 11.26
C MET B 204 -18.21 -10.18 10.53
N LEU B 205 -18.99 -11.00 11.25
CA LEU B 205 -19.68 -12.12 10.61
C LEU B 205 -20.81 -11.65 9.71
N SER B 206 -21.37 -10.47 9.97
CA SER B 206 -22.46 -9.97 9.13
C SER B 206 -21.96 -9.55 7.75
N LYS B 207 -20.66 -9.33 7.60
CA LYS B 207 -20.07 -9.01 6.30
C LYS B 207 -19.62 -10.25 5.55
N ILE B 208 -19.64 -11.42 6.19
CA ILE B 208 -19.19 -12.67 5.58
C ILE B 208 -20.43 -13.48 5.22
N PRO B 209 -20.72 -13.70 3.95
CA PRO B 209 -21.93 -14.46 3.59
C PRO B 209 -21.93 -15.90 4.11
N ARG B 210 -20.77 -16.52 4.27
CA ARG B 210 -20.73 -17.87 4.82
C ARG B 210 -21.03 -17.90 6.31
N ALA B 211 -21.17 -16.75 6.96
CA ALA B 211 -21.58 -16.63 8.36
C ALA B 211 -20.62 -17.34 9.32
N ARG B 212 -19.38 -17.54 8.92
CA ARG B 212 -18.38 -18.14 9.78
C ARG B 212 -16.99 -17.69 9.35
N PHE B 213 -16.03 -17.83 10.25
CA PHE B 213 -14.66 -17.47 9.94
C PHE B 213 -13.95 -18.62 9.23
N VAL B 214 -12.91 -18.27 8.48
CA VAL B 214 -12.13 -19.26 7.77
C VAL B 214 -11.33 -20.09 8.76
N LYS B 215 -11.26 -21.39 8.52
CA LYS B 215 -10.43 -22.27 9.34
C LYS B 215 -9.00 -22.24 8.83
N VAL B 216 -8.04 -22.35 9.75
CA VAL B 216 -6.64 -22.38 9.35
C VAL B 216 -6.38 -23.58 8.44
N GLU B 217 -7.19 -24.63 8.57
CA GLU B 217 -7.08 -25.78 7.68
C GLU B 217 -7.40 -25.40 6.24
N GLU B 218 -8.44 -24.58 6.05
CA GLU B 218 -8.87 -24.24 4.69
C GLU B 218 -7.88 -23.30 4.02
N LEU B 219 -7.30 -22.37 4.78
CA LEU B 219 -6.25 -21.51 4.24
C LEU B 219 -5.04 -22.33 3.84
N ALA B 220 -4.60 -23.25 4.71
CA ALA B 220 -3.42 -24.07 4.42
C ALA B 220 -3.62 -24.89 3.16
N ALA B 221 -4.85 -25.37 2.93
CA ALA B 221 -5.13 -26.13 1.71
C ALA B 221 -4.93 -25.27 0.46
N MET B 222 -5.41 -24.02 0.50
CA MET B 222 -5.25 -23.15 -0.66
C MET B 222 -3.81 -22.69 -0.82
N VAL B 223 -3.12 -22.44 0.30
CA VAL B 223 -1.69 -22.10 0.22
C VAL B 223 -0.90 -23.27 -0.37
N ALA B 224 -1.24 -24.49 0.03
CA ALA B 224 -0.48 -25.65 -0.43
C ALA B 224 -0.53 -25.79 -1.95
N TRP B 225 -1.69 -25.54 -2.56
CA TRP B 225 -1.77 -25.62 -4.01
C TRP B 225 -1.03 -24.46 -4.66
N LEU B 226 -1.12 -23.26 -4.08
CA LEU B 226 -0.47 -22.09 -4.64
C LEU B 226 1.05 -22.18 -4.62
N VAL B 227 1.62 -23.00 -3.75
CA VAL B 227 3.08 -23.16 -3.67
C VAL B 227 3.53 -24.49 -4.26
N SER B 228 2.66 -25.20 -4.96
CA SER B 228 3.03 -26.43 -5.63
C SER B 228 3.51 -26.15 -7.05
N GLU B 229 4.07 -27.18 -7.69
CA GLU B 229 4.55 -27.03 -9.06
C GLU B 229 3.42 -26.74 -10.03
N GLU B 230 2.23 -27.30 -9.79
CA GLU B 230 1.14 -27.17 -10.75
C GLU B 230 0.59 -25.75 -10.86
N ASN B 231 0.94 -24.86 -9.92
CA ASN B 231 0.66 -23.44 -10.08
C ASN B 231 1.81 -22.80 -10.87
N SER B 232 1.85 -23.14 -12.16
CA SER B 232 2.96 -22.78 -13.02
C SER B 232 2.67 -21.60 -13.95
N PHE B 233 1.43 -21.10 -13.98
CA PHE B 233 1.08 -20.01 -14.89
C PHE B 233 0.62 -18.76 -14.17
N THR B 234 -0.25 -18.88 -13.17
CA THR B 234 -0.78 -17.70 -12.50
C THR B 234 0.29 -17.07 -11.62
N THR B 235 0.53 -15.78 -11.83
CA THR B 235 1.49 -15.03 -11.04
C THR B 235 1.00 -13.59 -10.94
N ALA B 236 1.51 -12.89 -9.92
CA ALA B 236 1.14 -11.51 -9.64
C ALA B 236 -0.36 -11.35 -9.46
N SER B 237 -1.02 -12.36 -8.90
CA SER B 237 -2.46 -12.38 -8.72
C SER B 237 -2.81 -12.44 -7.24
N VAL B 238 -4.07 -12.15 -6.94
CA VAL B 238 -4.61 -12.18 -5.59
C VAL B 238 -5.68 -13.25 -5.53
N PHE B 239 -5.49 -14.23 -4.66
CA PHE B 239 -6.47 -15.29 -4.42
C PHE B 239 -7.24 -14.98 -3.15
N ASP B 240 -8.57 -15.04 -3.23
CA ASP B 240 -9.43 -14.55 -2.16
C ASP B 240 -9.83 -15.69 -1.22
N LEU B 241 -9.94 -15.36 0.07
CA LEU B 241 -10.40 -16.28 1.11
C LEU B 241 -11.33 -15.55 2.07
N SER B 242 -12.32 -14.83 1.53
CA SER B 242 -13.21 -14.01 2.34
C SER B 242 -14.60 -14.61 2.50
N GLY B 243 -14.84 -15.79 1.94
CA GLY B 243 -16.13 -16.45 2.11
C GLY B 243 -17.28 -15.73 1.45
N GLY B 244 -17.04 -15.06 0.32
CA GLY B 244 -18.08 -14.37 -0.41
C GLY B 244 -18.19 -12.89 -0.13
N ARG B 245 -17.34 -12.34 0.75
CA ARG B 245 -17.42 -10.93 1.09
C ARG B 245 -16.85 -10.05 -0.03
N ALA B 246 -15.67 -10.41 -0.53
CA ALA B 246 -15.00 -9.59 -1.52
C ALA B 246 -15.80 -9.52 -2.82
N THR B 247 -15.81 -8.35 -3.43
CA THR B 247 -16.51 -8.13 -4.69
C THR B 247 -15.57 -8.00 -5.88
N TYR B 248 -14.26 -8.11 -5.67
CA TYR B 248 -13.30 -8.12 -6.76
C TYR B 248 -12.01 -8.82 -6.34
#